data_8ZNN
#
_entry.id   8ZNN
#
_cell.length_a   37.228
_cell.length_b   93.553
_cell.length_c   95.962
_cell.angle_alpha   90.00
_cell.angle_beta   90.00
_cell.angle_gamma   90.00
#
_symmetry.space_group_name_H-M   'P 2 21 21'
#
loop_
_entity.id
_entity.type
_entity.pdbx_description
1 polymer 'Peroxisome proliferator-activated receptor delta'
2 non-polymer '6-[2-[[2-[4-(trifluoromethyloxy)phenyl]benzimidazol-1-yl]methyl]phenoxy]hexanoic acid'
3 water water
#
_entity_poly.entity_id   1
_entity_poly.type   'polypeptide(L)'
_entity_poly.pdbx_seq_one_letter_code
;VADLKAFSKHIYNAYLKNFNMTKKKARSILTGKASHTAPFVIHDIETLWQAEKGLVWKQLVNGLPPYKEISVHVFYRCQC
TTVETVRELTEFAKSIPSFSSLFLNDQVTLLKYGVHEAIFAMLASIVNKDGLLVANGSGFVTREFLRSLRKPFSDIIEPK
FEFAVKFNALELDDSDLALFIAAIILCGDRPGLMNVPRVEAIQDTILRALEFHLQANHPDAQYLFPKLLQKMADLRQLVT
EHAQMMQRIKKTETETSLHPLLQEIYKDMY
;
_entity_poly.pdbx_strand_id   A
#
# COMPACT_ATOMS: atom_id res chain seq x y z
N VAL A 1 -2.26 -22.41 17.34
CA VAL A 1 -1.35 -22.60 18.45
C VAL A 1 -1.16 -21.26 19.17
N ALA A 2 -0.48 -21.28 20.31
CA ALA A 2 -0.23 -20.03 21.02
C ALA A 2 1.03 -19.32 20.55
N ASP A 3 1.97 -20.06 19.95
CA ASP A 3 2.99 -19.42 19.11
C ASP A 3 2.33 -18.55 18.03
N LEU A 4 1.48 -19.18 17.21
CA LEU A 4 0.83 -18.44 16.13
C LEU A 4 0.07 -17.23 16.68
N LYS A 5 -0.53 -17.37 17.86
CA LYS A 5 -1.22 -16.23 18.44
C LYS A 5 -0.22 -15.16 18.88
N ALA A 6 0.89 -15.57 19.47
CA ALA A 6 1.93 -14.62 19.89
C ALA A 6 2.59 -13.97 18.67
N PHE A 7 2.92 -14.79 17.67
CA PHE A 7 3.45 -14.27 16.42
C PHE A 7 2.51 -13.21 15.82
N SER A 8 1.21 -13.53 15.69
CA SER A 8 0.29 -12.57 15.09
C SER A 8 0.33 -11.26 15.85
N LYS A 9 0.38 -11.31 17.19
CA LYS A 9 0.26 -10.06 17.92
C LYS A 9 1.57 -9.29 17.84
N HIS A 10 2.70 -9.98 17.73
CA HIS A 10 3.95 -9.29 17.46
C HIS A 10 3.91 -8.52 16.14
N ILE A 11 3.43 -9.17 15.07
CA ILE A 11 3.33 -8.49 13.77
C ILE A 11 2.37 -7.31 13.87
N TYR A 12 1.23 -7.50 14.54
CA TYR A 12 0.28 -6.40 14.72
C TYR A 12 0.92 -5.18 15.38
N ASN A 13 1.65 -5.40 16.48
CA ASN A 13 2.29 -4.27 17.16
C ASN A 13 3.35 -3.61 16.30
N ALA A 14 4.09 -4.39 15.51
CA ALA A 14 5.03 -3.80 14.55
C ALA A 14 4.28 -2.93 13.55
N TYR A 15 3.11 -3.39 13.11
CA TYR A 15 2.26 -2.59 12.26
C TYR A 15 1.80 -1.31 12.97
N LEU A 16 1.27 -1.45 14.20
CA LEU A 16 0.86 -0.24 14.93
C LEU A 16 2.03 0.71 15.10
N LYS A 17 3.22 0.16 15.29
CA LYS A 17 4.40 1.00 15.53
C LYS A 17 4.77 1.80 14.29
N ASN A 18 4.64 1.20 13.10
CA ASN A 18 5.24 1.82 11.91
C ASN A 18 4.30 2.59 11.00
N PHE A 19 2.98 2.40 11.08
CA PHE A 19 2.05 3.11 10.22
C PHE A 19 1.13 3.95 11.10
N ASN A 20 1.20 5.27 10.97
CA ASN A 20 0.34 6.08 11.85
C ASN A 20 -1.11 5.96 11.43
N MET A 21 -1.38 5.96 10.13
CA MET A 21 -2.75 5.88 9.69
C MET A 21 -3.13 4.41 9.59
N THR A 22 -4.05 4.00 10.44
CA THR A 22 -4.57 2.65 10.46
C THR A 22 -5.99 2.65 9.90
N LYS A 23 -6.44 1.45 9.56
CA LYS A 23 -7.83 1.31 9.12
C LYS A 23 -8.79 1.73 10.22
N LYS A 24 -8.46 1.42 11.47
CA LYS A 24 -9.41 1.72 12.55
C LYS A 24 -9.62 3.23 12.68
N LYS A 25 -8.51 3.98 12.67
CA LYS A 25 -8.60 5.44 12.73
C LYS A 25 -9.29 6.00 11.50
N ALA A 26 -8.94 5.48 10.33
CA ALA A 26 -9.54 5.99 9.11
C ALA A 26 -11.05 5.74 9.10
N ARG A 27 -11.49 4.57 9.56
CA ARG A 27 -12.93 4.28 9.60
C ARG A 27 -13.65 5.15 10.62
N SER A 28 -13.00 5.49 11.74
CA SER A 28 -13.66 6.43 12.64
C SER A 28 -13.83 7.79 11.96
N ILE A 29 -12.81 8.24 11.23
CA ILE A 29 -12.90 9.53 10.55
C ILE A 29 -13.98 9.49 9.45
N LEU A 30 -13.99 8.42 8.65
CA LEU A 30 -14.90 8.39 7.51
C LEU A 30 -16.35 8.30 7.94
N THR A 31 -16.64 7.48 8.95
CA THR A 31 -18.02 7.29 9.37
C THR A 31 -18.58 8.50 10.10
N GLY A 32 -17.71 9.40 10.58
CA GLY A 32 -18.15 10.55 11.34
C GLY A 32 -17.86 10.40 12.82
N ALA A 38 -13.99 16.89 11.07
CA ALA A 38 -14.17 16.27 9.76
C ALA A 38 -13.10 16.71 8.77
N PRO A 39 -12.77 15.85 7.80
CA PRO A 39 -11.72 16.20 6.85
C PRO A 39 -12.19 17.27 5.87
N PHE A 40 -11.25 18.14 5.49
CA PHE A 40 -11.45 19.11 4.42
C PHE A 40 -11.52 18.39 3.07
N VAL A 41 -12.55 18.69 2.28
CA VAL A 41 -12.79 17.97 1.03
C VAL A 41 -12.07 18.67 -0.13
N ILE A 42 -11.09 17.98 -0.68
CA ILE A 42 -10.41 18.36 -1.92
C ILE A 42 -11.18 17.75 -3.07
N HIS A 43 -11.73 18.59 -3.94
CA HIS A 43 -12.53 18.11 -5.06
C HIS A 43 -12.35 18.94 -6.32
N ASP A 44 -11.48 19.95 -6.30
CA ASP A 44 -11.17 20.79 -7.45
C ASP A 44 -9.87 21.54 -7.20
N ILE A 45 -9.48 22.36 -8.17
CA ILE A 45 -8.14 22.94 -8.15
C ILE A 45 -8.04 23.97 -7.03
N GLU A 46 -9.13 24.70 -6.76
CA GLU A 46 -9.10 25.72 -5.73
C GLU A 46 -9.12 25.10 -4.33
N THR A 47 -9.89 24.02 -4.10
CA THR A 47 -9.79 23.36 -2.80
C THR A 47 -8.47 22.63 -2.60
N LEU A 48 -7.83 22.15 -3.66
CA LEU A 48 -6.46 21.65 -3.54
C LEU A 48 -5.52 22.77 -3.10
N TRP A 49 -5.65 23.95 -3.71
CA TRP A 49 -4.81 25.07 -3.29
C TRP A 49 -5.02 25.40 -1.82
N GLN A 50 -6.25 25.48 -1.38
CA GLN A 50 -6.57 25.74 0.00
C GLN A 50 -5.99 24.70 0.93
N ALA A 51 -6.03 23.45 0.53
CA ALA A 51 -5.49 22.36 1.31
C ALA A 51 -3.99 22.50 1.47
N GLU A 52 -3.30 22.85 0.42
CA GLU A 52 -1.88 23.12 0.49
C GLU A 52 -1.54 24.38 1.31
N LYS A 53 -2.49 25.28 1.42
CA LYS A 53 -2.30 26.53 2.15
C LYS A 53 -2.39 26.34 3.64
N GLY A 54 -2.80 25.19 4.08
CA GLY A 54 -2.72 24.91 5.50
C GLY A 54 -3.75 24.06 6.12
N LEU A 55 -4.86 23.99 5.46
CA LEU A 55 -5.97 23.25 6.01
C LEU A 55 -5.64 21.75 6.08
N VAL A 56 -4.80 21.26 5.18
CA VAL A 56 -4.52 19.86 5.17
C VAL A 56 -3.03 19.71 5.24
N TRP A 57 -2.34 20.25 4.29
CA TRP A 57 -0.88 20.25 4.30
C TRP A 57 -0.30 21.57 4.74
N LYS A 58 0.91 21.54 5.25
CA LYS A 58 1.56 22.76 5.65
C LYS A 58 2.88 22.97 4.92
N LEU A 64 7.86 19.31 -3.44
CA LEU A 64 7.16 19.20 -4.73
C LEU A 64 7.96 19.88 -5.79
N PRO A 65 8.43 19.07 -6.72
CA PRO A 65 9.15 19.66 -7.82
C PRO A 65 8.19 20.51 -8.55
N PRO A 66 8.74 21.49 -9.22
CA PRO A 66 7.87 22.38 -9.93
C PRO A 66 6.91 21.71 -10.91
N TYR A 67 5.67 22.10 -10.80
CA TYR A 67 4.63 21.53 -11.66
C TYR A 67 3.89 22.54 -12.51
N LYS A 68 3.41 22.12 -13.64
CA LYS A 68 2.73 23.02 -14.55
C LYS A 68 1.29 22.78 -14.76
N GLU A 69 0.76 21.69 -14.21
CA GLU A 69 -0.61 21.36 -14.34
C GLU A 69 -1.18 20.60 -13.11
N ILE A 70 -2.47 20.70 -12.89
CA ILE A 70 -3.05 20.03 -11.74
C ILE A 70 -2.74 18.52 -11.74
N SER A 71 -2.76 17.88 -12.92
CA SER A 71 -2.60 16.42 -12.95
C SER A 71 -1.23 16.00 -12.42
N VAL A 72 -0.17 16.69 -12.88
CA VAL A 72 1.18 16.38 -12.41
C VAL A 72 1.34 16.75 -10.93
N HIS A 73 0.67 17.81 -10.49
CA HIS A 73 0.72 18.21 -9.09
C HIS A 73 0.17 17.11 -8.20
N VAL A 74 -0.99 16.58 -8.56
CA VAL A 74 -1.57 15.44 -7.84
C VAL A 74 -0.65 14.23 -7.90
N PHE A 75 -0.09 13.94 -9.09
CA PHE A 75 0.85 12.83 -9.22
C PHE A 75 2.01 12.97 -8.23
N TYR A 76 2.52 14.19 -8.04
CA TYR A 76 3.62 14.43 -7.10
C TYR A 76 3.20 14.19 -5.64
N ARG A 77 1.98 14.63 -5.28
CA ARG A 77 1.46 14.24 -3.97
C ARG A 77 1.39 12.72 -3.82
N CYS A 78 0.94 12.04 -4.87
CA CYS A 78 0.94 10.57 -4.85
C CYS A 78 2.33 10.05 -4.51
N GLN A 79 3.35 10.59 -5.17
CA GLN A 79 4.71 10.11 -4.94
C GLN A 79 5.18 10.37 -3.52
N CYS A 80 4.91 11.59 -3.01
CA CYS A 80 5.24 11.90 -1.62
C CYS A 80 4.72 10.83 -0.68
N THR A 81 3.45 10.48 -0.83
CA THR A 81 2.83 9.53 0.09
C THR A 81 3.41 8.13 -0.10
N THR A 82 3.57 7.67 -1.33
CA THR A 82 4.06 6.30 -1.49
C THR A 82 5.50 6.17 -1.01
N VAL A 83 6.32 7.18 -1.26
CA VAL A 83 7.70 7.10 -0.79
C VAL A 83 7.75 7.03 0.73
N GLU A 84 6.93 7.85 1.40
CA GLU A 84 6.80 7.73 2.85
C GLU A 84 6.37 6.32 3.26
N THR A 85 5.43 5.74 2.52
CA THR A 85 4.93 4.45 2.95
C THR A 85 5.97 3.35 2.70
N VAL A 86 6.79 3.52 1.66
CA VAL A 86 7.91 2.61 1.44
C VAL A 86 8.87 2.67 2.63
N ARG A 87 9.17 3.88 3.12
CA ARG A 87 10.05 3.95 4.28
C ARG A 87 9.44 3.26 5.49
N GLU A 88 8.13 3.47 5.72
CA GLU A 88 7.49 2.80 6.86
C GLU A 88 7.53 1.29 6.69
N LEU A 89 7.31 0.80 5.47
CA LEU A 89 7.29 -0.63 5.23
C LEU A 89 8.68 -1.23 5.43
N THR A 90 9.72 -0.50 5.04
CA THR A 90 11.07 -0.98 5.28
C THR A 90 11.30 -1.17 6.78
N GLU A 91 10.91 -0.17 7.58
CA GLU A 91 11.04 -0.31 9.03
C GLU A 91 10.19 -1.47 9.56
N PHE A 92 8.94 -1.56 9.12
CA PHE A 92 8.06 -2.66 9.51
C PHE A 92 8.73 -4.02 9.24
N ALA A 93 9.24 -4.20 8.03
CA ALA A 93 9.88 -5.45 7.64
C ALA A 93 11.00 -5.82 8.60
N LYS A 94 11.73 -4.81 9.08
CA LYS A 94 12.77 -5.13 10.05
C LYS A 94 12.21 -5.85 11.28
N SER A 95 10.92 -5.71 11.55
CA SER A 95 10.30 -6.35 12.72
C SER A 95 9.72 -7.72 12.42
N ILE A 96 9.62 -8.12 11.14
CA ILE A 96 9.15 -9.47 10.82
C ILE A 96 10.25 -10.45 11.21
N PRO A 97 9.96 -11.44 12.05
CA PRO A 97 11.01 -12.37 12.47
C PRO A 97 11.78 -12.96 11.30
N SER A 98 13.11 -12.90 11.39
CA SER A 98 14.06 -13.42 10.41
C SER A 98 14.22 -12.60 9.13
N PHE A 99 13.40 -11.57 8.90
CA PHE A 99 13.65 -10.75 7.72
C PHE A 99 15.04 -10.13 7.79
N SER A 100 15.40 -9.57 8.96
CA SER A 100 16.71 -8.95 9.12
C SER A 100 17.85 -9.96 9.10
N SER A 101 17.56 -11.24 9.23
CA SER A 101 18.60 -12.25 9.09
C SER A 101 18.93 -12.54 7.64
N LEU A 102 18.14 -12.04 6.69
CA LEU A 102 18.45 -12.23 5.29
C LEU A 102 19.61 -11.33 4.90
N PHE A 103 20.38 -11.77 3.92
CA PHE A 103 21.41 -10.90 3.35
C PHE A 103 20.79 -9.61 2.85
N LEU A 104 21.52 -8.51 3.00
CA LEU A 104 20.95 -7.20 2.71
C LEU A 104 20.36 -7.14 1.30
N ASN A 105 21.04 -7.77 0.32
CA ASN A 105 20.53 -7.71 -1.05
C ASN A 105 19.19 -8.43 -1.21
N ASP A 106 18.94 -9.50 -0.46
CA ASP A 106 17.62 -10.11 -0.47
C ASP A 106 16.57 -9.22 0.20
N GLN A 107 16.91 -8.58 1.31
CA GLN A 107 15.98 -7.62 1.90
C GLN A 107 15.58 -6.57 0.88
N VAL A 108 16.56 -6.13 0.09
CA VAL A 108 16.27 -5.09 -0.90
C VAL A 108 15.40 -5.64 -2.01
N THR A 109 15.68 -6.85 -2.49
CA THR A 109 14.83 -7.44 -3.53
C THR A 109 13.38 -7.61 -3.05
N LEU A 110 13.20 -8.11 -1.83
CA LEU A 110 11.85 -8.30 -1.31
C LEU A 110 11.12 -6.96 -1.22
N LEU A 111 11.77 -5.93 -0.68
CA LEU A 111 11.10 -4.63 -0.62
C LEU A 111 10.81 -4.10 -2.03
N LYS A 112 11.80 -4.16 -2.91
CA LYS A 112 11.61 -3.65 -4.26
C LYS A 112 10.35 -4.24 -4.87
N TYR A 113 10.17 -5.56 -4.77
CA TYR A 113 9.02 -6.17 -5.45
C TYR A 113 7.76 -6.23 -4.60
N GLY A 114 7.84 -5.92 -3.31
CA GLY A 114 6.68 -6.07 -2.45
C GLY A 114 6.06 -4.77 -1.94
N VAL A 115 6.80 -3.66 -1.90
CA VAL A 115 6.25 -2.52 -1.17
C VAL A 115 5.01 -1.98 -1.85
N HIS A 116 4.96 -1.98 -3.18
CA HIS A 116 3.77 -1.41 -3.83
C HIS A 116 2.56 -2.35 -3.75
N GLU A 117 2.75 -3.66 -3.78
CA GLU A 117 1.65 -4.56 -3.43
C GLU A 117 1.11 -4.21 -2.06
N ALA A 118 2.01 -4.01 -1.10
CA ALA A 118 1.58 -3.68 0.27
C ALA A 118 0.90 -2.31 0.31
N ILE A 119 1.43 -1.37 -0.47
CA ILE A 119 0.89 -0.01 -0.48
C ILE A 119 -0.51 0.00 -1.03
N PHE A 120 -0.74 -0.72 -2.13
CA PHE A 120 -2.07 -0.66 -2.73
C PHE A 120 -3.07 -1.55 -1.98
N ALA A 121 -2.58 -2.48 -1.17
CA ALA A 121 -3.46 -3.13 -0.19
C ALA A 121 -3.87 -2.16 0.92
N MET A 122 -2.90 -1.41 1.47
CA MET A 122 -3.18 -0.52 2.58
C MET A 122 -4.04 0.65 2.14
N LEU A 123 -3.95 1.01 0.85
CA LEU A 123 -4.82 2.05 0.32
C LEU A 123 -6.28 1.82 0.67
N ALA A 124 -6.74 0.57 0.56
CA ALA A 124 -8.16 0.33 0.83
C ALA A 124 -8.54 0.78 2.24
N SER A 125 -7.58 0.82 3.16
CA SER A 125 -7.93 1.22 4.52
C SER A 125 -8.42 2.66 4.58
N ILE A 126 -7.92 3.51 3.70
CA ILE A 126 -8.24 4.94 3.74
C ILE A 126 -9.20 5.35 2.63
N VAL A 127 -9.87 4.37 2.02
CA VAL A 127 -10.71 4.60 0.86
C VAL A 127 -12.15 4.26 1.19
N ASN A 128 -13.07 5.02 0.59
CA ASN A 128 -14.43 4.55 0.37
C ASN A 128 -14.72 4.73 -1.11
N LYS A 129 -15.92 4.34 -1.53
CA LYS A 129 -16.21 4.44 -2.96
C LYS A 129 -16.13 5.88 -3.46
N ASP A 130 -16.10 6.88 -2.59
CA ASP A 130 -16.12 8.28 -3.03
C ASP A 130 -14.77 9.00 -2.99
N GLY A 131 -13.77 8.44 -2.32
CA GLY A 131 -12.50 9.13 -2.25
C GLY A 131 -11.58 8.51 -1.23
N LEU A 132 -10.53 9.24 -0.88
CA LEU A 132 -9.59 8.72 0.13
C LEU A 132 -9.12 9.80 1.08
N LEU A 133 -8.74 9.36 2.27
CA LEU A 133 -8.14 10.24 3.26
C LEU A 133 -6.71 10.59 2.85
N VAL A 134 -6.34 11.85 3.06
CA VAL A 134 -4.97 12.32 2.86
C VAL A 134 -4.52 13.09 4.10
N ALA A 135 -3.19 13.21 4.23
CA ALA A 135 -2.58 14.00 5.29
C ALA A 135 -3.15 13.64 6.65
N ASN A 136 -3.12 12.36 6.89
CA ASN A 136 -3.22 11.79 8.21
C ASN A 136 -4.63 12.11 8.71
N GLY A 137 -5.58 11.92 7.81
CA GLY A 137 -7.01 12.09 8.04
C GLY A 137 -7.56 13.50 7.90
N SER A 138 -6.70 14.49 7.74
CA SER A 138 -7.19 15.87 7.74
C SER A 138 -7.77 16.30 6.40
N GLY A 139 -7.47 15.57 5.33
CA GLY A 139 -8.07 15.85 4.03
C GLY A 139 -8.80 14.65 3.45
N PHE A 140 -9.74 14.87 2.54
CA PHE A 140 -10.41 13.81 1.81
C PHE A 140 -10.46 14.21 0.36
N VAL A 141 -9.81 13.42 -0.50
CA VAL A 141 -9.73 13.73 -1.92
C VAL A 141 -10.79 12.91 -2.64
N THR A 142 -11.63 13.57 -3.43
CA THR A 142 -12.72 12.79 -4.00
C THR A 142 -12.24 12.01 -5.22
N ARG A 143 -12.81 10.82 -5.36
CA ARG A 143 -12.54 9.98 -6.52
C ARG A 143 -12.92 10.72 -7.81
N GLU A 144 -13.96 11.56 -7.75
CA GLU A 144 -14.48 12.07 -9.01
C GLU A 144 -13.56 13.19 -9.48
N PHE A 145 -12.91 13.87 -8.53
CA PHE A 145 -11.85 14.80 -8.86
C PHE A 145 -10.62 14.10 -9.46
N LEU A 146 -10.21 12.97 -8.87
CA LEU A 146 -9.08 12.25 -9.44
C LEU A 146 -9.40 11.76 -10.85
N ARG A 147 -10.64 11.32 -11.06
CA ARG A 147 -11.12 10.98 -12.39
C ARG A 147 -11.05 12.16 -13.34
N SER A 148 -11.14 13.41 -12.82
CA SER A 148 -11.08 14.58 -13.70
C SER A 148 -9.68 14.90 -14.21
N LEU A 149 -8.65 14.17 -13.76
CA LEU A 149 -7.32 14.45 -14.24
C LEU A 149 -7.12 13.82 -15.62
N ARG A 150 -6.09 14.25 -16.33
CA ARG A 150 -5.92 13.77 -17.70
C ARG A 150 -5.19 12.42 -17.71
N LYS A 151 -5.39 11.67 -18.81
CA LYS A 151 -4.53 10.52 -19.09
C LYS A 151 -3.09 10.98 -19.03
N PRO A 152 -2.17 10.14 -18.56
CA PRO A 152 -2.48 8.82 -18.00
C PRO A 152 -2.65 8.78 -16.48
N PHE A 153 -2.79 9.95 -15.84
CA PHE A 153 -2.82 9.97 -14.39
C PHE A 153 -4.14 9.42 -13.86
N SER A 154 -5.26 9.77 -14.50
CA SER A 154 -6.53 9.19 -14.13
C SER A 154 -6.51 7.67 -14.32
N ASP A 155 -5.83 7.24 -15.40
CA ASP A 155 -5.75 5.82 -15.72
C ASP A 155 -4.92 5.06 -14.70
N ILE A 156 -3.90 5.70 -14.13
CA ILE A 156 -3.08 5.00 -13.14
C ILE A 156 -3.76 5.04 -11.78
N ILE A 157 -4.71 5.95 -11.59
CA ILE A 157 -5.40 6.05 -10.30
C ILE A 157 -6.63 5.14 -10.21
N GLU A 158 -7.54 5.19 -11.19
CA GLU A 158 -8.84 4.54 -11.01
C GLU A 158 -8.75 3.03 -10.72
N PRO A 159 -7.90 2.24 -11.38
CA PRO A 159 -7.86 0.80 -11.07
C PRO A 159 -7.55 0.49 -9.62
N LYS A 160 -6.81 1.38 -8.95
CA LYS A 160 -6.50 1.21 -7.53
C LYS A 160 -7.73 1.36 -6.67
N PHE A 161 -8.58 2.36 -6.96
CA PHE A 161 -9.89 2.43 -6.32
C PHE A 161 -10.69 1.16 -6.56
N GLU A 162 -10.71 0.67 -7.80
CA GLU A 162 -11.55 -0.51 -8.06
C GLU A 162 -11.10 -1.69 -7.19
N PHE A 163 -9.81 -1.99 -7.27
CA PHE A 163 -9.24 -2.99 -6.37
C PHE A 163 -9.65 -2.72 -4.93
N ALA A 164 -9.47 -1.48 -4.45
CA ALA A 164 -9.61 -1.22 -3.02
C ALA A 164 -11.04 -1.44 -2.55
N VAL A 165 -12.04 -1.01 -3.34
CA VAL A 165 -13.41 -1.17 -2.89
C VAL A 165 -13.77 -2.64 -2.81
N LYS A 166 -13.35 -3.42 -3.82
CA LYS A 166 -13.54 -4.87 -3.69
C LYS A 166 -12.80 -5.43 -2.47
N PHE A 167 -11.56 -4.97 -2.23
CA PHE A 167 -10.80 -5.49 -1.12
C PHE A 167 -11.50 -5.22 0.20
N ASN A 168 -12.07 -4.03 0.34
CA ASN A 168 -12.81 -3.68 1.54
C ASN A 168 -14.02 -4.57 1.76
N ALA A 169 -14.56 -5.15 0.68
CA ALA A 169 -15.64 -6.13 0.91
C ALA A 169 -15.22 -7.27 1.84
N LEU A 170 -13.93 -7.59 1.97
CA LEU A 170 -13.50 -8.66 2.89
C LEU A 170 -13.56 -8.26 4.36
N GLU A 171 -13.76 -6.97 4.66
CA GLU A 171 -13.91 -6.48 6.04
C GLU A 171 -12.75 -6.90 6.95
N LEU A 172 -11.54 -6.88 6.39
CA LEU A 172 -10.37 -7.09 7.24
C LEU A 172 -10.22 -5.96 8.25
N ASP A 173 -9.53 -6.24 9.35
CA ASP A 173 -9.13 -5.19 10.30
C ASP A 173 -7.61 -5.13 10.36
N ASP A 174 -7.10 -4.20 11.16
CA ASP A 174 -5.65 -3.92 11.18
C ASP A 174 -4.84 -5.15 11.58
N SER A 175 -5.34 -5.96 12.51
CA SER A 175 -4.57 -7.13 12.93
C SER A 175 -4.46 -8.15 11.80
N ASP A 176 -5.50 -8.27 10.97
CA ASP A 176 -5.39 -9.09 9.76
C ASP A 176 -4.40 -8.49 8.79
N LEU A 177 -4.49 -7.18 8.59
CA LEU A 177 -3.71 -6.50 7.56
C LEU A 177 -2.23 -6.60 7.87
N ALA A 178 -1.85 -6.52 9.15
CA ALA A 178 -0.44 -6.58 9.52
C ALA A 178 0.20 -7.90 9.06
N LEU A 179 -0.50 -9.01 9.25
CA LEU A 179 -0.01 -10.30 8.75
C LEU A 179 -0.06 -10.37 7.23
N PHE A 180 -1.13 -9.84 6.63
CA PHE A 180 -1.23 -9.85 5.16
C PHE A 180 -0.05 -9.10 4.52
N ILE A 181 0.25 -7.89 5.01
CA ILE A 181 1.37 -7.13 4.46
C ILE A 181 2.70 -7.86 4.71
N ALA A 182 2.90 -8.40 5.91
CA ALA A 182 4.12 -9.19 6.12
C ALA A 182 4.23 -10.33 5.09
N ALA A 183 3.11 -11.01 4.81
CA ALA A 183 3.14 -12.11 3.86
C ALA A 183 3.48 -11.63 2.45
N ILE A 184 2.99 -10.44 2.10
CA ILE A 184 3.31 -9.84 0.79
C ILE A 184 4.80 -9.60 0.66
N ILE A 185 5.43 -9.04 1.70
CA ILE A 185 6.86 -8.72 1.61
C ILE A 185 7.71 -9.99 1.55
N LEU A 186 7.33 -11.04 2.26
CA LEU A 186 8.10 -12.28 2.31
C LEU A 186 7.68 -13.27 1.22
N CYS A 187 7.66 -12.83 -0.05
CA CYS A 187 7.34 -13.73 -1.17
C CYS A 187 8.60 -14.33 -1.73
N GLY A 188 8.62 -15.66 -1.84
CA GLY A 188 9.82 -16.35 -2.26
C GLY A 188 10.06 -16.37 -3.74
N ASP A 189 9.11 -15.89 -4.56
CA ASP A 189 9.25 -15.90 -6.01
C ASP A 189 9.63 -14.54 -6.59
N ARG A 190 10.16 -13.64 -5.78
CA ARG A 190 10.57 -12.36 -6.37
C ARG A 190 11.76 -12.58 -7.29
N PRO A 191 11.80 -11.90 -8.43
CA PRO A 191 12.93 -12.07 -9.36
C PRO A 191 14.24 -11.77 -8.66
N GLY A 192 15.18 -12.70 -8.77
CA GLY A 192 16.53 -12.47 -8.31
C GLY A 192 16.80 -12.72 -6.83
N LEU A 193 15.85 -13.25 -6.07
CA LEU A 193 16.20 -13.62 -4.70
C LEU A 193 17.29 -14.67 -4.70
N MET A 194 18.14 -14.61 -3.65
CA MET A 194 19.15 -15.63 -3.41
C MET A 194 18.58 -16.79 -2.60
N ASN A 195 18.16 -16.51 -1.37
CA ASN A 195 17.76 -17.57 -0.45
C ASN A 195 16.24 -17.78 -0.52
N VAL A 196 15.81 -18.38 -1.64
CA VAL A 196 14.39 -18.64 -1.84
C VAL A 196 13.82 -19.56 -0.76
N PRO A 197 14.45 -20.70 -0.42
CA PRO A 197 13.87 -21.55 0.64
C PRO A 197 13.75 -20.85 1.99
N ARG A 198 14.77 -20.10 2.42
CA ARG A 198 14.64 -19.26 3.62
C ARG A 198 13.40 -18.41 3.59
N VAL A 199 13.24 -17.63 2.51
CA VAL A 199 12.11 -16.71 2.42
C VAL A 199 10.80 -17.48 2.44
N GLU A 200 10.72 -18.55 1.66
CA GLU A 200 9.52 -19.37 1.64
C GLU A 200 9.14 -19.82 3.04
N ALA A 201 10.14 -20.23 3.84
CA ALA A 201 9.84 -20.75 5.17
C ALA A 201 9.30 -19.66 6.08
N ILE A 202 9.93 -18.47 6.02
CA ILE A 202 9.42 -17.36 6.79
C ILE A 202 7.99 -17.03 6.36
N GLN A 203 7.75 -17.01 5.05
CA GLN A 203 6.40 -16.72 4.58
C GLN A 203 5.41 -17.76 5.07
N ASP A 204 5.83 -19.02 5.13
CA ASP A 204 4.91 -20.07 5.54
C ASP A 204 4.52 -19.89 7.00
N THR A 205 5.48 -19.47 7.83
CA THR A 205 5.16 -19.11 9.20
C THR A 205 4.15 -17.98 9.24
N ILE A 206 4.39 -16.93 8.45
CA ILE A 206 3.45 -15.81 8.44
C ILE A 206 2.07 -16.29 8.00
N LEU A 207 1.99 -17.11 6.95
CA LEU A 207 0.69 -17.49 6.39
C LEU A 207 -0.08 -18.42 7.32
N ARG A 208 0.59 -19.38 7.95
CA ARG A 208 -0.11 -20.18 8.95
C ARG A 208 -0.61 -19.29 10.10
N ALA A 209 0.20 -18.30 10.49
CA ALA A 209 -0.30 -17.37 11.50
C ALA A 209 -1.51 -16.61 10.98
N LEU A 210 -1.52 -16.22 9.71
CA LEU A 210 -2.66 -15.51 9.14
C LEU A 210 -3.90 -16.39 9.12
N GLU A 211 -3.77 -17.62 8.63
CA GLU A 211 -4.92 -18.51 8.60
C GLU A 211 -5.51 -18.64 9.99
N PHE A 212 -4.66 -18.91 10.98
CA PHE A 212 -5.12 -19.00 12.37
C PHE A 212 -5.80 -17.70 12.79
N HIS A 213 -5.13 -16.57 12.55
CA HIS A 213 -5.65 -15.31 13.07
C HIS A 213 -7.01 -15.02 12.45
N LEU A 214 -7.17 -15.31 11.17
CA LEU A 214 -8.43 -15.05 10.49
C LEU A 214 -9.53 -15.90 11.09
N GLN A 215 -9.25 -17.18 11.31
CA GLN A 215 -10.24 -18.04 11.93
C GLN A 215 -10.63 -17.55 13.32
N ALA A 216 -9.66 -17.10 14.12
CA ALA A 216 -10.00 -16.60 15.44
C ALA A 216 -10.79 -15.29 15.38
N ASN A 217 -10.45 -14.41 14.44
CA ASN A 217 -10.99 -13.07 14.33
C ASN A 217 -12.28 -13.01 13.52
N HIS A 218 -12.45 -13.89 12.52
CA HIS A 218 -13.63 -13.92 11.67
C HIS A 218 -14.19 -15.34 11.66
N PRO A 219 -14.65 -15.83 12.81
CA PRO A 219 -15.07 -17.24 12.91
C PRO A 219 -16.12 -17.64 11.89
N ASP A 220 -17.01 -16.74 11.47
CA ASP A 220 -18.10 -17.08 10.57
C ASP A 220 -17.81 -16.77 9.12
N ALA A 221 -16.57 -16.45 8.78
CA ALA A 221 -16.20 -16.13 7.41
C ALA A 221 -15.59 -17.37 6.78
N GLN A 222 -16.23 -17.87 5.73
CA GLN A 222 -15.79 -19.09 5.06
C GLN A 222 -14.93 -18.73 3.86
N TYR A 223 -13.78 -19.39 3.73
CA TYR A 223 -12.88 -19.24 2.59
C TYR A 223 -12.09 -17.94 2.62
N LEU A 224 -12.05 -17.25 3.77
CA LEU A 224 -11.40 -15.95 3.81
C LEU A 224 -9.91 -16.07 3.48
N PHE A 225 -9.27 -17.13 3.97
CA PHE A 225 -7.82 -17.25 3.76
C PHE A 225 -7.48 -17.46 2.29
N PRO A 226 -8.07 -18.41 1.58
CA PRO A 226 -7.78 -18.51 0.13
C PRO A 226 -8.19 -17.28 -0.64
N LYS A 227 -9.21 -16.57 -0.19
CA LYS A 227 -9.59 -15.32 -0.85
C LYS A 227 -8.48 -14.28 -0.73
N LEU A 228 -7.83 -14.23 0.45
CA LEU A 228 -6.68 -13.34 0.63
C LEU A 228 -5.48 -13.77 -0.19
N LEU A 229 -5.24 -15.08 -0.31
CA LEU A 229 -4.15 -15.50 -1.20
C LEU A 229 -4.42 -15.05 -2.64
N GLN A 230 -5.67 -15.18 -3.07
CA GLN A 230 -6.05 -14.65 -4.39
C GLN A 230 -5.82 -13.14 -4.47
N LYS A 231 -6.12 -12.40 -3.39
CA LYS A 231 -5.89 -10.95 -3.40
C LYS A 231 -4.41 -10.64 -3.59
N MET A 232 -3.53 -11.47 -3.01
CA MET A 232 -2.09 -11.30 -3.20
C MET A 232 -1.73 -11.43 -4.68
N ALA A 233 -2.27 -12.46 -5.35
CA ALA A 233 -2.02 -12.59 -6.80
C ALA A 233 -2.61 -11.41 -7.59
N ASP A 234 -3.83 -10.98 -7.25
CA ASP A 234 -4.41 -9.82 -7.91
C ASP A 234 -3.53 -8.60 -7.74
N LEU A 235 -2.96 -8.43 -6.54
CA LEU A 235 -2.09 -7.29 -6.25
C LEU A 235 -0.85 -7.36 -7.09
N ARG A 236 -0.26 -8.55 -7.21
CA ARG A 236 0.88 -8.68 -8.12
C ARG A 236 0.53 -8.18 -9.50
N GLN A 237 -0.64 -8.58 -10.02
CA GLN A 237 -1.04 -8.14 -11.37
C GLN A 237 -1.27 -6.63 -11.41
N LEU A 238 -1.97 -6.10 -10.41
CA LEU A 238 -2.20 -4.66 -10.29
C LEU A 238 -0.88 -3.88 -10.33
N VAL A 239 0.13 -4.35 -9.59
CA VAL A 239 1.41 -3.64 -9.54
C VAL A 239 2.19 -3.87 -10.82
N THR A 240 2.13 -5.06 -11.42
CA THR A 240 2.74 -5.24 -12.73
C THR A 240 2.22 -4.18 -13.71
N GLU A 241 0.89 -4.02 -13.79
CA GLU A 241 0.34 -3.01 -14.68
C GLU A 241 0.67 -1.60 -14.22
N HIS A 242 0.70 -1.37 -12.91
CA HIS A 242 1.12 -0.07 -12.42
C HIS A 242 2.52 0.27 -12.89
N ALA A 243 3.46 -0.67 -12.70
CA ALA A 243 4.83 -0.48 -13.13
C ALA A 243 4.89 -0.18 -14.61
N GLN A 244 4.11 -0.89 -15.40
CA GLN A 244 4.06 -0.59 -16.82
C GLN A 244 3.64 0.87 -17.04
N MET A 245 2.62 1.34 -16.31
CA MET A 245 2.23 2.72 -16.59
C MET A 245 3.25 3.72 -16.08
N MET A 246 3.89 3.47 -14.94
CA MET A 246 4.96 4.34 -14.48
C MET A 246 6.14 4.39 -15.45
N GLN A 247 6.59 3.26 -15.94
CA GLN A 247 7.66 3.29 -16.93
C GLN A 247 7.22 4.08 -18.17
N ARG A 248 5.97 3.93 -18.57
CA ARG A 248 5.51 4.66 -19.75
C ARG A 248 5.50 6.16 -19.49
N ILE A 249 4.90 6.58 -18.37
CA ILE A 249 4.91 7.99 -17.98
C ILE A 249 6.32 8.55 -17.99
N LYS A 250 7.29 7.75 -17.50
CA LYS A 250 8.69 8.17 -17.50
C LYS A 250 9.17 8.45 -18.91
N LYS A 251 8.74 7.61 -19.87
CA LYS A 251 9.18 7.79 -21.25
C LYS A 251 8.44 8.91 -21.95
N THR A 252 7.11 9.01 -21.79
CA THR A 252 6.30 9.96 -22.56
C THR A 252 6.19 11.34 -21.92
N GLU A 253 6.25 11.39 -20.60
CA GLU A 253 6.03 12.62 -19.84
C GLU A 253 7.36 13.19 -19.36
N THR A 254 8.20 13.60 -20.31
CA THR A 254 9.59 13.93 -19.99
C THR A 254 9.71 14.97 -18.89
N GLU A 255 8.80 15.96 -18.86
CA GLU A 255 8.87 17.00 -17.84
C GLU A 255 8.28 16.59 -16.50
N THR A 256 7.80 15.36 -16.35
CA THR A 256 7.25 14.90 -15.08
C THR A 256 8.32 14.15 -14.31
N SER A 257 8.57 14.57 -13.07
CA SER A 257 9.61 13.97 -12.26
C SER A 257 9.14 12.66 -11.63
N LEU A 258 10.08 11.70 -11.52
CA LEU A 258 10.00 10.55 -10.62
C LEU A 258 11.01 10.65 -9.49
N HIS A 259 10.51 10.50 -8.27
CA HIS A 259 11.37 10.41 -7.10
C HIS A 259 12.42 9.33 -7.31
N PRO A 260 13.68 9.60 -6.97
CA PRO A 260 14.74 8.61 -7.30
C PRO A 260 14.52 7.23 -6.66
N LEU A 261 13.83 7.17 -5.51
CA LEU A 261 13.51 5.87 -4.93
C LEU A 261 12.52 5.12 -5.80
N LEU A 262 11.49 5.81 -6.31
CA LEU A 262 10.54 5.17 -7.22
C LEU A 262 11.21 4.77 -8.52
N GLN A 263 12.09 5.63 -9.06
CA GLN A 263 12.91 5.24 -10.21
C GLN A 263 13.64 3.93 -9.96
N GLU A 264 14.33 3.82 -8.82
CA GLU A 264 15.05 2.58 -8.53
C GLU A 264 14.11 1.38 -8.43
N ILE A 265 12.96 1.56 -7.78
CA ILE A 265 12.03 0.44 -7.63
C ILE A 265 11.55 -0.05 -8.98
N TYR A 266 11.16 0.89 -9.87
CA TYR A 266 10.63 0.51 -11.18
C TYR A 266 11.71 0.15 -12.20
N LYS A 267 12.95 0.57 -11.98
CA LYS A 267 14.08 0.17 -12.81
C LYS A 267 14.14 -1.34 -12.98
N ASP A 268 13.97 -1.80 -14.22
CA ASP A 268 14.05 -3.22 -14.57
C ASP A 268 13.03 -4.06 -13.80
N MET A 269 11.92 -3.45 -13.39
CA MET A 269 10.82 -4.21 -12.82
C MET A 269 9.94 -4.75 -13.94
N TYR A 270 9.81 -6.07 -14.00
CA TYR A 270 8.93 -6.75 -14.95
C TYR A 270 9.11 -6.26 -16.39
#